data_7HRX
#
_entry.id   7HRX
#
_cell.length_a   99.281
_cell.length_b   99.304
_cell.length_c   129.980
_cell.angle_alpha   90.00
_cell.angle_beta   90.00
_cell.angle_gamma   90.00
#
_symmetry.space_group_name_H-M   'I 2 2 2'
#
loop_
_entity.id
_entity.type
_entity.pdbx_description
1 polymer 'Oleoyl-acyl carrier protein thioesterase 1, chloroplastic'
2 non-polymer ~{N}-(furan-2-ylmethyl)-2-methyl-furan-3-carboxamide
3 water water
#
_entity_poly.entity_id   1
_entity_poly.type   'polypeptide(L)'
_entity_poly.pdbx_seq_one_letter_code
;MGSLTEDGLSYKEKFVVRSYEVGSNKTATVETIANLLQEVGCNHAQSVGFSTDGFATTTTMRKLHLIWVTARMHIEIYKY
PAWGDVVEIETWCQSEGRIGTRRDWILKDSVTGEVTGRATSKWVMMNQDTRRLQKVSDDVRDEYLVFCPQEPRLAFPEEN
NRSLKKIPKLEDPAQYSMIGLKPRRADLDMNQHVNNVTYIGWVLESIPQEIVDTHELQVITLDYRRECQQDDVVDSLTTT
TSEIGGTNGSATSGTQGHNDSQFLHLLRLSGDGQEINRGTTLWRKKPSSHHHHHH
;
_entity_poly.pdbx_strand_id   A,B
#
loop_
_chem_comp.id
_chem_comp.type
_chem_comp.name
_chem_comp.formula
A1IU1 non-polymer ~{N}-(furan-2-ylmethyl)-2-methyl-furan-3-carboxamide 'C11 H11 N O3'
#
# COMPACT_ATOMS: atom_id res chain seq x y z
N GLY A 2 19.74 2.98 -0.83
CA GLY A 2 20.05 3.57 -2.13
C GLY A 2 21.18 4.57 -2.08
N SER A 3 21.65 5.02 -3.25
CA SER A 3 22.76 5.97 -3.31
C SER A 3 22.82 6.67 -4.65
N LEU A 4 23.44 7.86 -4.68
CA LEU A 4 23.74 8.52 -5.96
C LEU A 4 24.85 7.69 -6.65
N THR A 5 24.88 7.73 -7.98
CA THR A 5 25.90 7.02 -8.76
C THR A 5 27.25 7.79 -8.68
N GLU A 6 28.32 7.22 -9.21
CA GLU A 6 29.66 7.82 -9.21
C GLU A 6 29.70 9.27 -9.73
N ASP A 7 29.03 9.55 -10.86
CA ASP A 7 29.03 10.92 -11.38
C ASP A 7 28.06 11.88 -10.62
N GLY A 8 27.27 11.34 -9.69
CA GLY A 8 26.32 12.11 -8.88
C GLY A 8 25.12 12.66 -9.64
N LEU A 9 24.91 12.22 -10.91
CA LEU A 9 23.83 12.72 -11.76
C LEU A 9 22.62 11.79 -11.88
N SER A 10 22.60 10.71 -11.09
CA SER A 10 21.49 9.76 -11.05
C SER A 10 21.50 9.01 -9.70
N TYR A 11 20.46 8.25 -9.42
CA TYR A 11 20.30 7.58 -8.12
C TYR A 11 19.81 6.17 -8.33
N LYS A 12 20.35 5.21 -7.57
CA LYS A 12 19.95 3.79 -7.70
C LYS A 12 19.52 3.22 -6.39
N GLU A 13 18.53 2.33 -6.40
CA GLU A 13 18.05 1.68 -5.19
C GLU A 13 17.49 0.32 -5.54
N LYS A 14 17.71 -0.65 -4.64
CA LYS A 14 17.21 -2.01 -4.79
C LYS A 14 16.03 -2.23 -3.82
N PHE A 15 15.06 -3.01 -4.26
CA PHE A 15 13.87 -3.34 -3.47
C PHE A 15 13.58 -4.83 -3.60
N VAL A 16 13.16 -5.47 -2.48
CA VAL A 16 12.79 -6.87 -2.51
C VAL A 16 11.27 -6.90 -2.54
N VAL A 17 10.67 -7.52 -3.56
CA VAL A 17 9.21 -7.55 -3.70
C VAL A 17 8.50 -8.28 -2.52
N ARG A 18 7.56 -7.58 -1.84
CA ARG A 18 6.82 -8.07 -0.67
C ARG A 18 5.57 -8.92 -1.00
N SER A 19 5.16 -9.80 -0.08
CA SER A 19 3.98 -10.67 -0.25
C SER A 19 2.70 -9.91 -0.56
N TYR A 20 2.44 -8.81 0.16
CA TYR A 20 1.23 -8.01 -0.08
C TYR A 20 1.32 -7.11 -1.32
N GLU A 21 2.49 -7.07 -1.99
CA GLU A 21 2.78 -6.24 -3.16
C GLU A 21 2.44 -6.93 -4.49
N VAL A 22 2.13 -8.26 -4.46
CA VAL A 22 1.88 -9.04 -5.68
C VAL A 22 0.39 -9.31 -5.96
N GLY A 23 0.08 -9.48 -7.24
CA GLY A 23 -1.27 -9.79 -7.71
C GLY A 23 -1.51 -11.28 -7.93
N SER A 24 -2.57 -11.63 -8.68
N SER A 24 -2.57 -11.64 -8.66
N SER A 24 -2.57 -11.63 -8.68
CA SER A 24 -2.92 -13.02 -8.97
CA SER A 24 -2.92 -13.03 -8.94
CA SER A 24 -2.92 -13.02 -8.97
C SER A 24 -1.83 -13.81 -9.67
C SER A 24 -1.84 -13.81 -9.68
C SER A 24 -1.83 -13.81 -9.67
N ASN A 25 -0.95 -13.12 -10.40
CA ASN A 25 0.16 -13.77 -11.12
C ASN A 25 1.41 -14.01 -10.20
N LYS A 26 1.30 -13.69 -8.88
CA LYS A 26 2.39 -13.75 -7.90
C LYS A 26 3.60 -12.88 -8.32
N THR A 27 3.35 -11.84 -9.11
CA THR A 27 4.34 -10.85 -9.50
C THR A 27 3.79 -9.45 -9.05
N ALA A 28 4.69 -8.48 -8.88
CA ALA A 28 4.33 -7.13 -8.43
C ALA A 28 3.27 -6.48 -9.32
N THR A 29 2.25 -5.83 -8.72
CA THR A 29 1.26 -5.10 -9.51
C THR A 29 1.90 -3.82 -10.11
N VAL A 30 1.23 -3.19 -11.11
CA VAL A 30 1.74 -1.93 -11.68
C VAL A 30 1.71 -0.78 -10.62
N GLU A 31 0.79 -0.87 -9.63
CA GLU A 31 0.68 0.12 -8.54
C GLU A 31 1.85 -0.05 -7.58
N THR A 32 2.29 -1.29 -7.30
CA THR A 32 3.50 -1.50 -6.52
C THR A 32 4.70 -0.89 -7.27
N ILE A 33 4.84 -1.19 -8.59
CA ILE A 33 5.89 -0.59 -9.41
C ILE A 33 5.89 0.95 -9.30
N ALA A 34 4.71 1.58 -9.48
CA ALA A 34 4.54 3.04 -9.40
C ALA A 34 4.96 3.60 -8.02
N ASN A 35 4.60 2.89 -6.93
CA ASN A 35 5.00 3.31 -5.57
C ASN A 35 6.52 3.26 -5.43
N LEU A 36 7.15 2.21 -5.97
CA LEU A 36 8.61 2.08 -5.93
C LEU A 36 9.25 3.23 -6.75
N LEU A 37 8.65 3.60 -7.91
CA LEU A 37 9.18 4.72 -8.72
C LEU A 37 9.15 6.02 -7.89
N GLN A 38 8.03 6.25 -7.20
CA GLN A 38 7.86 7.45 -6.37
C GLN A 38 8.88 7.43 -5.22
N GLU A 39 9.06 6.25 -4.60
CA GLU A 39 10.02 6.08 -3.50
C GLU A 39 11.45 6.41 -3.94
N VAL A 40 11.93 5.84 -5.07
CA VAL A 40 13.29 6.13 -5.53
C VAL A 40 13.43 7.61 -5.92
N GLY A 41 12.36 8.21 -6.50
CA GLY A 41 12.36 9.63 -6.85
C GLY A 41 12.54 10.50 -5.60
N CYS A 42 11.78 10.18 -4.53
N CYS A 42 11.80 10.18 -4.54
N CYS A 42 11.78 10.18 -4.53
CA CYS A 42 11.84 10.87 -3.24
CA CYS A 42 11.85 10.88 -3.26
CA CYS A 42 11.84 10.87 -3.24
C CYS A 42 13.22 10.73 -2.60
C CYS A 42 13.23 10.73 -2.61
C CYS A 42 13.22 10.73 -2.60
N ASN A 43 13.81 9.52 -2.66
CA ASN A 43 15.14 9.29 -2.09
C ASN A 43 16.23 10.07 -2.85
N HIS A 44 16.04 10.26 -4.17
CA HIS A 44 16.98 11.04 -4.98
C HIS A 44 16.88 12.54 -4.57
N ALA A 45 15.66 13.08 -4.41
CA ALA A 45 15.47 14.47 -3.95
C ALA A 45 16.14 14.68 -2.57
N GLN A 46 15.93 13.74 -1.63
CA GLN A 46 16.48 13.83 -0.28
C GLN A 46 18.00 13.83 -0.33
N SER A 47 18.57 12.94 -1.15
N SER A 47 18.58 12.93 -1.13
N SER A 47 18.57 12.94 -1.15
CA SER A 47 20.02 12.77 -1.33
CA SER A 47 20.04 12.79 -1.26
CA SER A 47 20.02 12.77 -1.33
C SER A 47 20.75 14.06 -1.69
C SER A 47 20.74 14.09 -1.63
C SER A 47 20.75 14.06 -1.69
N VAL A 48 20.07 15.01 -2.33
CA VAL A 48 20.71 16.28 -2.73
C VAL A 48 20.08 17.55 -2.07
N GLY A 49 19.24 17.38 -1.04
CA GLY A 49 18.71 18.49 -0.26
C GLY A 49 17.38 19.13 -0.63
N PHE A 50 16.62 18.51 -1.53
CA PHE A 50 15.31 19.05 -1.91
C PHE A 50 14.22 18.57 -0.93
N SER A 51 13.00 19.17 -0.99
CA SER A 51 11.91 18.69 -0.15
C SER A 51 11.55 17.24 -0.54
N THR A 52 11.00 16.51 0.41
CA THR A 52 10.67 15.10 0.21
C THR A 52 9.15 14.82 0.22
N ASP A 53 8.33 15.85 0.11
CA ASP A 53 6.87 15.80 0.14
C ASP A 53 6.22 15.51 -1.23
N GLY A 54 7.01 15.24 -2.25
CA GLY A 54 6.49 15.01 -3.59
C GLY A 54 6.46 16.26 -4.46
N PHE A 55 6.80 17.43 -3.89
CA PHE A 55 6.83 18.68 -4.65
C PHE A 55 8.26 19.16 -5.01
N ALA A 56 9.32 18.42 -4.57
CA ALA A 56 10.74 18.67 -4.85
C ALA A 56 11.12 20.17 -4.83
N THR A 57 10.80 20.86 -3.75
CA THR A 57 11.00 22.29 -3.63
C THR A 57 12.33 22.69 -2.99
N THR A 58 12.75 23.93 -3.23
CA THR A 58 13.91 24.58 -2.61
C THR A 58 13.39 25.61 -1.58
N THR A 59 14.28 26.21 -0.76
CA THR A 59 13.87 27.26 0.19
C THR A 59 13.27 28.45 -0.59
N THR A 60 13.82 28.76 -1.78
CA THR A 60 13.34 29.81 -2.67
C THR A 60 11.88 29.54 -3.10
N MET A 61 11.58 28.31 -3.54
N MET A 61 11.57 28.30 -3.55
N MET A 61 11.58 28.31 -3.54
CA MET A 61 10.23 27.91 -3.97
CA MET A 61 10.23 27.91 -3.97
CA MET A 61 10.23 27.91 -3.97
C MET A 61 9.26 27.89 -2.79
C MET A 61 9.26 27.91 -2.79
C MET A 61 9.26 27.89 -2.79
N ARG A 62 9.73 27.53 -1.60
CA ARG A 62 8.88 27.49 -0.41
C ARG A 62 8.42 28.91 0.01
N LYS A 63 9.32 29.90 -0.10
CA LYS A 63 8.98 31.29 0.21
C LYS A 63 7.92 31.82 -0.78
N LEU A 64 7.97 31.37 -2.06
CA LEU A 64 7.00 31.79 -3.08
C LEU A 64 5.74 30.92 -3.16
N HIS A 65 5.61 29.89 -2.32
CA HIS A 65 4.53 28.93 -2.33
C HIS A 65 4.43 28.22 -3.70
N LEU A 66 5.58 27.93 -4.33
CA LEU A 66 5.66 27.22 -5.60
C LEU A 66 5.99 25.76 -5.39
N ILE A 67 5.39 24.85 -6.19
CA ILE A 67 5.56 23.40 -6.12
C ILE A 67 5.70 22.79 -7.53
N TRP A 68 6.29 21.59 -7.61
CA TRP A 68 6.35 20.84 -8.87
C TRP A 68 5.21 19.84 -8.81
N VAL A 69 4.46 19.68 -9.89
CA VAL A 69 3.35 18.73 -9.93
C VAL A 69 3.43 17.84 -11.19
N THR A 70 3.07 16.53 -11.06
CA THR A 70 3.11 15.62 -12.20
C THR A 70 1.99 15.92 -13.18
N ALA A 71 2.33 16.13 -14.44
CA ALA A 71 1.38 16.36 -15.52
C ALA A 71 1.10 15.04 -16.30
N ARG A 72 2.09 14.15 -16.40
CA ARG A 72 1.96 12.88 -17.12
C ARG A 72 2.92 11.86 -16.54
N MET A 73 2.45 10.58 -16.48
CA MET A 73 3.20 9.40 -16.12
C MET A 73 3.06 8.38 -17.29
N HIS A 74 4.16 7.77 -17.70
CA HIS A 74 4.15 6.78 -18.78
C HIS A 74 5.05 5.64 -18.31
N ILE A 75 4.50 4.44 -18.18
CA ILE A 75 5.26 3.29 -17.70
C ILE A 75 5.11 2.14 -18.70
N GLU A 76 6.24 1.49 -19.06
CA GLU A 76 6.28 0.33 -19.92
C GLU A 76 7.01 -0.80 -19.17
N ILE A 77 6.34 -1.94 -18.93
CA ILE A 77 6.91 -3.08 -18.22
C ILE A 77 7.00 -4.28 -19.15
N TYR A 78 8.19 -4.90 -19.23
CA TYR A 78 8.45 -6.09 -20.03
C TYR A 78 8.25 -7.35 -19.17
N LYS A 79 8.71 -7.30 -17.91
CA LYS A 79 8.58 -8.41 -16.97
C LYS A 79 8.33 -7.84 -15.59
N TYR A 80 7.23 -8.27 -14.95
CA TYR A 80 6.91 -7.86 -13.60
C TYR A 80 7.72 -8.71 -12.63
N PRO A 81 8.40 -8.11 -11.64
CA PRO A 81 9.21 -8.92 -10.72
C PRO A 81 8.35 -9.84 -9.85
N ALA A 82 8.83 -11.04 -9.62
CA ALA A 82 8.12 -12.00 -8.78
C ALA A 82 8.34 -11.72 -7.28
N TRP A 83 7.47 -12.28 -6.41
CA TRP A 83 7.60 -12.14 -4.96
C TRP A 83 8.99 -12.63 -4.50
N GLY A 84 9.68 -11.84 -3.70
CA GLY A 84 11.01 -12.20 -3.22
C GLY A 84 12.15 -11.82 -4.15
N ASP A 85 11.84 -11.39 -5.39
CA ASP A 85 12.89 -10.97 -6.33
C ASP A 85 13.41 -9.58 -5.94
N VAL A 86 14.63 -9.25 -6.39
CA VAL A 86 15.22 -7.96 -6.13
C VAL A 86 15.18 -7.17 -7.42
N VAL A 87 14.58 -5.98 -7.39
CA VAL A 87 14.55 -5.12 -8.57
C VAL A 87 15.43 -3.88 -8.29
N GLU A 88 16.34 -3.53 -9.21
CA GLU A 88 17.13 -2.32 -9.03
C GLU A 88 16.52 -1.23 -9.94
N ILE A 89 16.32 -0.04 -9.40
CA ILE A 89 15.74 1.07 -10.16
C ILE A 89 16.70 2.26 -10.14
N GLU A 90 17.01 2.78 -11.34
CA GLU A 90 17.85 3.97 -11.53
C GLU A 90 16.95 5.09 -12.01
N THR A 91 17.12 6.29 -11.44
CA THR A 91 16.32 7.45 -11.80
C THR A 91 17.18 8.68 -11.99
N TRP A 92 16.71 9.58 -12.83
CA TRP A 92 17.39 10.84 -13.07
C TRP A 92 16.37 11.91 -13.48
N CYS A 93 16.76 13.15 -13.33
CA CYS A 93 15.92 14.28 -13.67
C CYS A 93 16.58 15.08 -14.80
N GLN A 94 15.79 15.69 -15.69
CA GLN A 94 16.33 16.49 -16.80
C GLN A 94 15.37 17.63 -17.12
N SER A 95 15.89 18.87 -17.21
CA SER A 95 15.03 19.99 -17.56
C SER A 95 14.70 19.97 -19.07
N GLU A 96 13.48 20.38 -19.42
CA GLU A 96 13.06 20.51 -20.82
C GLU A 96 12.68 21.98 -21.09
N GLY A 97 13.48 22.91 -20.56
CA GLY A 97 13.27 24.34 -20.75
C GLY A 97 12.23 24.91 -19.82
N ARG A 98 11.65 26.06 -20.19
CA ARG A 98 10.65 26.72 -19.35
C ARG A 98 9.34 25.90 -19.28
N ILE A 99 9.07 25.06 -20.31
CA ILE A 99 7.90 24.17 -20.43
C ILE A 99 7.72 23.37 -19.10
N GLY A 100 8.75 22.62 -18.74
CA GLY A 100 8.75 21.77 -17.56
C GLY A 100 9.96 20.86 -17.49
N THR A 101 9.91 19.88 -16.61
CA THR A 101 11.05 18.97 -16.43
C THR A 101 10.58 17.53 -16.44
N ARG A 102 11.50 16.63 -16.75
CA ARG A 102 11.25 15.21 -16.86
C ARG A 102 12.00 14.42 -15.76
N ARG A 103 11.38 13.36 -15.24
CA ARG A 103 12.07 12.42 -14.36
C ARG A 103 11.87 11.08 -15.06
N ASP A 104 12.96 10.35 -15.33
CA ASP A 104 12.96 9.05 -16.00
C ASP A 104 13.41 7.95 -15.06
N TRP A 105 13.04 6.70 -15.35
CA TRP A 105 13.43 5.54 -14.57
C TRP A 105 13.71 4.35 -15.48
N ILE A 106 14.65 3.48 -15.07
CA ILE A 106 14.96 2.20 -15.71
C ILE A 106 14.88 1.15 -14.60
N LEU A 107 14.14 0.07 -14.82
CA LEU A 107 14.04 -1.00 -13.84
C LEU A 107 14.80 -2.19 -14.39
N LYS A 108 15.59 -2.82 -13.53
CA LYS A 108 16.36 -3.99 -13.93
C LYS A 108 16.21 -5.14 -12.96
N ASP A 109 16.43 -6.35 -13.46
CA ASP A 109 16.45 -7.54 -12.62
C ASP A 109 17.88 -7.52 -12.00
N SER A 110 17.98 -7.46 -10.67
CA SER A 110 19.28 -7.40 -10.00
C SER A 110 20.19 -8.55 -10.35
N VAL A 111 19.64 -9.77 -10.41
CA VAL A 111 20.38 -10.99 -10.70
C VAL A 111 20.89 -11.05 -12.14
N THR A 112 20.03 -10.82 -13.14
CA THR A 112 20.46 -10.92 -14.54
C THR A 112 21.02 -9.63 -15.16
N GLY A 113 20.61 -8.49 -14.64
CA GLY A 113 21.01 -7.19 -15.19
C GLY A 113 20.18 -6.75 -16.40
N GLU A 114 19.17 -7.55 -16.79
CA GLU A 114 18.34 -7.22 -17.95
C GLU A 114 17.31 -6.11 -17.61
N VAL A 115 17.04 -5.19 -18.56
CA VAL A 115 16.06 -4.11 -18.36
C VAL A 115 14.68 -4.73 -18.41
N THR A 116 13.95 -4.68 -17.29
CA THR A 116 12.60 -5.24 -17.19
C THR A 116 11.46 -4.22 -17.31
N GLY A 117 11.79 -2.93 -17.31
CA GLY A 117 10.80 -1.88 -17.44
C GLY A 117 11.45 -0.51 -17.54
N ARG A 118 10.70 0.47 -18.00
CA ARG A 118 11.15 1.86 -18.07
C ARG A 118 9.94 2.81 -17.88
N ALA A 119 10.20 4.01 -17.38
CA ALA A 119 9.14 4.98 -17.15
C ALA A 119 9.67 6.39 -17.35
N THR A 120 8.75 7.29 -17.71
CA THR A 120 9.01 8.71 -17.88
C THR A 120 7.84 9.52 -17.31
N SER A 121 8.13 10.70 -16.79
CA SER A 121 7.10 11.57 -16.24
C SER A 121 7.42 13.02 -16.61
N LYS A 122 6.38 13.83 -16.81
CA LYS A 122 6.51 15.26 -17.10
C LYS A 122 5.93 16.03 -15.91
N TRP A 123 6.63 17.07 -15.49
CA TRP A 123 6.27 17.87 -14.34
C TRP A 123 6.20 19.35 -14.73
N VAL A 124 5.31 20.09 -14.07
CA VAL A 124 5.16 21.52 -14.31
C VAL A 124 5.18 22.24 -12.96
N MET A 125 5.59 23.52 -12.98
CA MET A 125 5.64 24.31 -11.77
C MET A 125 4.33 25.10 -11.60
N MET A 126 3.82 25.15 -10.38
CA MET A 126 2.54 25.77 -10.10
C MET A 126 2.54 26.42 -8.70
N ASN A 127 1.75 27.53 -8.51
CA ASN A 127 1.60 28.14 -7.19
C ASN A 127 0.66 27.17 -6.44
N GLN A 128 1.02 26.67 -5.24
CA GLN A 128 0.16 25.68 -4.58
C GLN A 128 -1.20 26.19 -4.11
N ASP A 129 -1.35 27.51 -3.92
CA ASP A 129 -2.61 28.06 -3.42
C ASP A 129 -3.55 28.41 -4.58
N THR A 130 -3.07 29.18 -5.58
CA THR A 130 -3.93 29.55 -6.72
C THR A 130 -4.07 28.44 -7.77
N ARG A 131 -3.12 27.48 -7.79
CA ARG A 131 -3.03 26.40 -8.78
C ARG A 131 -2.69 26.93 -10.20
N ARG A 132 -2.20 28.17 -10.30
CA ARG A 132 -1.82 28.78 -11.55
C ARG A 132 -0.44 28.32 -11.93
N LEU A 133 -0.29 27.90 -13.18
CA LEU A 133 0.99 27.46 -13.71
C LEU A 133 1.85 28.67 -13.98
N GLN A 134 3.16 28.53 -13.79
CA GLN A 134 4.09 29.58 -14.16
C GLN A 134 5.36 28.98 -14.68
N LYS A 135 5.95 29.67 -15.67
CA LYS A 135 7.21 29.26 -16.27
C LYS A 135 8.31 29.28 -15.20
N VAL A 136 9.26 28.37 -15.34
CA VAL A 136 10.35 28.24 -14.37
C VAL A 136 11.27 29.47 -14.52
N SER A 137 11.60 30.12 -13.40
CA SER A 137 12.50 31.28 -13.45
C SER A 137 13.95 30.80 -13.60
N ASP A 138 14.85 31.67 -14.08
CA ASP A 138 16.26 31.30 -14.24
C ASP A 138 16.88 30.96 -12.89
N ASP A 139 16.55 31.72 -11.82
CA ASP A 139 17.09 31.46 -10.49
C ASP A 139 16.60 30.13 -9.88
N VAL A 140 15.36 29.68 -10.21
CA VAL A 140 14.86 28.38 -9.73
C VAL A 140 15.51 27.26 -10.56
N ARG A 141 15.56 27.46 -11.89
CA ARG A 141 16.15 26.54 -12.85
C ARG A 141 17.61 26.18 -12.48
N ASP A 142 18.45 27.19 -12.21
CA ASP A 142 19.87 27.01 -11.84
C ASP A 142 20.07 26.18 -10.58
N GLU A 143 19.11 26.26 -9.65
CA GLU A 143 19.14 25.50 -8.41
C GLU A 143 19.16 24.00 -8.63
N TYR A 144 18.38 23.47 -9.60
CA TYR A 144 18.34 22.02 -9.80
C TYR A 144 19.17 21.52 -11.01
N LEU A 145 19.56 22.39 -11.96
CA LEU A 145 20.35 21.99 -13.15
C LEU A 145 21.66 21.27 -12.80
N VAL A 146 22.30 21.66 -11.68
CA VAL A 146 23.56 21.06 -11.21
C VAL A 146 23.40 19.58 -10.75
N PHE A 147 22.16 19.09 -10.62
CA PHE A 147 21.91 17.70 -10.25
C PHE A 147 21.40 16.86 -11.47
N CYS A 148 21.34 17.46 -12.67
CA CYS A 148 20.83 16.81 -13.87
C CYS A 148 21.94 16.65 -14.91
N PRO A 149 21.88 15.58 -15.73
CA PRO A 149 22.85 15.47 -16.85
C PRO A 149 22.60 16.61 -17.85
N GLN A 150 23.67 17.10 -18.45
CA GLN A 150 23.61 18.20 -19.43
C GLN A 150 23.24 17.64 -20.83
N GLU A 151 23.87 16.53 -21.24
CA GLU A 151 23.55 15.89 -22.51
C GLU A 151 22.23 15.15 -22.35
N PRO A 152 21.39 15.08 -23.40
CA PRO A 152 20.11 14.37 -23.29
C PRO A 152 20.28 12.90 -22.88
N ARG A 153 19.50 12.44 -21.90
CA ARG A 153 19.53 11.07 -21.43
C ARG A 153 18.07 10.70 -21.30
N LEU A 154 17.55 9.89 -22.24
CA LEU A 154 16.13 9.57 -22.23
C LEU A 154 15.86 8.11 -22.06
N ALA A 155 14.93 7.78 -21.15
CA ALA A 155 14.47 6.40 -21.04
C ALA A 155 13.72 5.98 -22.34
N PHE A 156 13.13 6.93 -23.10
CA PHE A 156 12.43 6.63 -24.35
C PHE A 156 13.02 7.53 -25.45
N PRO A 157 14.20 7.16 -25.99
CA PRO A 157 14.91 8.06 -26.92
C PRO A 157 14.21 8.39 -28.25
N GLU A 158 13.57 7.41 -28.91
CA GLU A 158 12.83 7.57 -30.17
C GLU A 158 11.99 8.89 -30.29
N GLU A 159 12.19 9.66 -31.38
CA GLU A 159 11.54 10.95 -31.66
C GLU A 159 9.99 10.96 -31.58
N ASN A 160 9.31 10.01 -32.24
CA ASN A 160 7.84 9.96 -32.18
C ASN A 160 7.39 8.72 -31.38
N ASN A 161 7.78 8.64 -30.09
CA ASN A 161 7.45 7.47 -29.29
C ASN A 161 6.13 7.63 -28.49
N ARG A 162 5.58 6.50 -27.99
CA ARG A 162 4.32 6.41 -27.24
C ARG A 162 4.22 7.40 -26.06
N SER A 163 5.34 7.64 -25.32
CA SER A 163 5.32 8.54 -24.16
C SER A 163 4.88 9.95 -24.44
N LEU A 164 4.98 10.39 -25.70
CA LEU A 164 4.61 11.76 -26.06
C LEU A 164 3.31 11.88 -26.86
N LYS A 165 2.59 10.78 -27.08
CA LYS A 165 1.38 10.79 -27.86
C LYS A 165 0.25 11.56 -27.18
N LYS A 166 -0.51 12.32 -27.96
CA LYS A 166 -1.67 13.08 -27.45
C LYS A 166 -2.79 12.08 -27.09
N ILE A 167 -3.53 12.30 -26.00
CA ILE A 167 -4.61 11.40 -25.58
C ILE A 167 -5.98 12.06 -25.80
N PRO A 168 -6.86 11.43 -26.61
CA PRO A 168 -8.18 12.03 -26.85
C PRO A 168 -9.15 11.87 -25.67
N LYS A 169 -10.28 12.57 -25.71
CA LYS A 169 -11.26 12.48 -24.63
C LYS A 169 -12.32 11.42 -24.97
N LEU A 170 -12.48 10.42 -24.08
CA LEU A 170 -13.47 9.35 -24.24
C LEU A 170 -14.88 9.96 -24.40
N GLU A 171 -15.64 9.48 -25.39
CA GLU A 171 -17.00 10.00 -25.61
C GLU A 171 -18.04 9.06 -25.03
N ASP A 172 -19.11 9.62 -24.44
CA ASP A 172 -20.18 8.78 -23.87
C ASP A 172 -21.03 8.16 -24.99
N PRO A 173 -21.56 6.95 -24.82
CA PRO A 173 -21.42 6.07 -23.63
C PRO A 173 -20.08 5.32 -23.62
N ALA A 174 -19.51 5.10 -22.42
CA ALA A 174 -18.29 4.31 -22.30
C ALA A 174 -18.69 2.83 -22.41
N GLN A 175 -17.79 1.96 -22.88
CA GLN A 175 -18.10 0.55 -22.97
C GLN A 175 -18.19 -0.06 -21.55
N TYR A 176 -17.31 0.37 -20.65
CA TYR A 176 -17.25 -0.13 -19.28
C TYR A 176 -17.11 1.02 -18.27
N SER A 177 -17.59 0.82 -17.04
CA SER A 177 -17.46 1.85 -16.02
C SER A 177 -17.43 1.27 -14.63
N MET A 178 -16.76 1.97 -13.72
CA MET A 178 -16.79 1.66 -12.31
C MET A 178 -17.10 3.02 -11.66
N ILE A 179 -18.18 3.09 -10.94
CA ILE A 179 -18.80 4.30 -10.39
C ILE A 179 -18.66 4.44 -8.88
N GLY A 180 -18.55 5.67 -8.39
CA GLY A 180 -18.56 5.92 -6.96
C GLY A 180 -17.31 5.59 -6.20
N LEU A 181 -16.15 5.62 -6.87
CA LEU A 181 -14.85 5.38 -6.25
C LEU A 181 -14.49 6.55 -5.35
N LYS A 182 -14.06 6.29 -4.10
CA LYS A 182 -13.73 7.34 -3.12
C LYS A 182 -12.37 6.99 -2.46
N PRO A 183 -11.49 7.98 -2.25
CA PRO A 183 -10.23 7.67 -1.55
C PRO A 183 -10.45 7.47 -0.04
N ARG A 184 -9.66 6.59 0.58
CA ARG A 184 -9.70 6.44 2.04
C ARG A 184 -8.36 7.02 2.61
N ARG A 185 -8.15 7.08 3.95
CA ARG A 185 -6.92 7.70 4.49
C ARG A 185 -5.62 7.09 3.93
N ALA A 186 -5.60 5.74 3.67
CA ALA A 186 -4.41 5.08 3.11
C ALA A 186 -4.06 5.58 1.71
N ASP A 187 -5.02 6.17 0.99
CA ASP A 187 -4.76 6.73 -0.34
C ASP A 187 -4.14 8.13 -0.28
N LEU A 188 -4.07 8.75 0.89
CA LEU A 188 -3.50 10.10 1.04
C LEU A 188 -2.02 10.03 1.38
N ASP A 189 -1.27 11.09 1.04
CA ASP A 189 0.14 11.22 1.40
C ASP A 189 0.28 12.01 2.72
N MET A 190 1.52 12.36 3.11
CA MET A 190 1.82 13.11 4.32
C MET A 190 1.19 14.51 4.34
N ASN A 191 0.92 15.09 3.14
CA ASN A 191 0.28 16.44 3.02
C ASN A 191 -1.26 16.36 2.87
N GLN A 192 -1.85 15.16 3.02
CA GLN A 192 -3.28 14.90 2.90
C GLN A 192 -3.80 15.06 1.46
N HIS A 193 -2.91 14.95 0.46
CA HIS A 193 -3.33 14.96 -0.95
C HIS A 193 -3.48 13.48 -1.41
N VAL A 194 -4.40 13.20 -2.37
CA VAL A 194 -4.55 11.85 -2.91
C VAL A 194 -3.24 11.51 -3.65
N ASN A 195 -2.65 10.37 -3.31
CA ASN A 195 -1.40 9.92 -3.92
C ASN A 195 -1.59 9.70 -5.42
N ASN A 196 -0.61 10.11 -6.23
CA ASN A 196 -0.67 9.90 -7.66
C ASN A 196 -0.91 8.47 -8.11
N VAL A 197 -0.46 7.48 -7.32
CA VAL A 197 -0.65 6.08 -7.68
C VAL A 197 -2.12 5.64 -7.55
N THR A 198 -2.89 6.30 -6.65
CA THR A 198 -4.33 5.98 -6.48
C THR A 198 -5.09 6.10 -7.81
N TYR A 199 -4.80 7.18 -8.58
CA TYR A 199 -5.43 7.39 -9.90
C TYR A 199 -5.13 6.27 -10.89
N ILE A 200 -3.93 5.66 -10.80
CA ILE A 200 -3.61 4.49 -11.66
C ILE A 200 -4.58 3.35 -11.31
N GLY A 201 -4.73 3.04 -10.02
CA GLY A 201 -5.65 1.99 -9.59
C GLY A 201 -7.08 2.27 -10.03
N TRP A 202 -7.53 3.53 -9.91
CA TRP A 202 -8.88 3.94 -10.33
C TRP A 202 -9.09 3.78 -11.83
N VAL A 203 -8.09 4.14 -12.66
CA VAL A 203 -8.17 3.92 -14.10
C VAL A 203 -8.40 2.43 -14.41
N LEU A 204 -7.59 1.56 -13.78
CA LEU A 204 -7.65 0.13 -13.99
C LEU A 204 -8.94 -0.56 -13.45
N GLU A 205 -9.65 0.04 -12.48
CA GLU A 205 -10.88 -0.56 -11.94
C GLU A 205 -11.97 -0.81 -13.01
N SER A 206 -11.98 -0.01 -14.10
CA SER A 206 -13.01 -0.20 -15.13
C SER A 206 -12.59 -1.15 -16.27
N ILE A 207 -11.45 -1.83 -16.13
CA ILE A 207 -11.04 -2.85 -17.11
C ILE A 207 -11.78 -4.13 -16.69
N PRO A 208 -12.46 -4.85 -17.60
CA PRO A 208 -13.16 -6.09 -17.18
C PRO A 208 -12.17 -7.10 -16.56
N GLN A 209 -12.63 -7.86 -15.56
CA GLN A 209 -11.77 -8.83 -14.89
C GLN A 209 -11.25 -9.90 -15.87
N GLU A 210 -12.01 -10.20 -16.94
CA GLU A 210 -11.59 -11.18 -17.96
C GLU A 210 -10.33 -10.74 -18.70
N ILE A 211 -10.18 -9.43 -18.93
CA ILE A 211 -8.97 -8.90 -19.57
C ILE A 211 -7.81 -9.08 -18.60
N VAL A 212 -7.99 -8.70 -17.33
CA VAL A 212 -6.94 -8.81 -16.30
C VAL A 212 -6.49 -10.27 -16.09
N ASP A 213 -7.42 -11.22 -16.20
CA ASP A 213 -7.10 -12.63 -16.02
C ASP A 213 -6.35 -13.29 -17.19
N THR A 214 -6.56 -12.80 -18.42
CA THR A 214 -5.97 -13.38 -19.63
C THR A 214 -4.84 -12.55 -20.26
N HIS A 215 -4.71 -11.30 -19.84
CA HIS A 215 -3.72 -10.39 -20.38
C HIS A 215 -2.84 -9.82 -19.27
N GLU A 216 -1.70 -9.25 -19.68
CA GLU A 216 -0.80 -8.56 -18.79
C GLU A 216 -0.65 -7.11 -19.30
N LEU A 217 -0.65 -6.14 -18.39
CA LEU A 217 -0.48 -4.73 -18.76
C LEU A 217 0.96 -4.49 -19.22
N GLN A 218 1.13 -3.99 -20.44
CA GLN A 218 2.46 -3.69 -20.97
C GLN A 218 2.75 -2.20 -20.89
N VAL A 219 1.79 -1.34 -21.26
CA VAL A 219 1.98 0.12 -21.26
C VAL A 219 0.77 0.86 -20.63
N ILE A 220 1.06 1.90 -19.84
CA ILE A 220 0.05 2.79 -19.28
C ILE A 220 0.58 4.23 -19.40
N THR A 221 -0.20 5.12 -20.02
CA THR A 221 0.11 6.55 -20.16
C THR A 221 -1.07 7.26 -19.47
N LEU A 222 -0.78 8.16 -18.54
CA LEU A 222 -1.84 8.81 -17.79
C LEU A 222 -1.57 10.30 -17.62
N ASP A 223 -2.50 11.14 -18.10
CA ASP A 223 -2.45 12.59 -17.93
C ASP A 223 -3.18 12.96 -16.63
N TYR A 224 -2.63 13.91 -15.88
CA TYR A 224 -3.18 14.40 -14.62
C TYR A 224 -3.65 15.86 -14.86
N ARG A 225 -4.96 16.07 -14.87
CA ARG A 225 -5.52 17.39 -15.20
C ARG A 225 -5.90 18.21 -13.96
N ARG A 226 -6.48 17.56 -12.96
CA ARG A 226 -7.00 18.19 -11.76
C ARG A 226 -6.94 17.15 -10.65
N GLU A 227 -6.76 17.59 -9.42
CA GLU A 227 -6.67 16.61 -8.35
C GLU A 227 -8.01 16.31 -7.69
N CYS A 228 -8.18 15.05 -7.31
CA CYS A 228 -9.38 14.59 -6.62
C CYS A 228 -9.16 14.99 -5.16
N GLN A 229 -10.08 15.78 -4.60
CA GLN A 229 -10.01 16.17 -3.20
C GLN A 229 -10.34 14.97 -2.31
N GLN A 230 -9.95 15.05 -1.03
CA GLN A 230 -10.24 14.01 -0.05
C GLN A 230 -11.74 13.65 0.04
N ASP A 231 -12.64 14.63 -0.17
CA ASP A 231 -14.08 14.41 -0.08
C ASP A 231 -14.78 14.29 -1.46
N ASP A 232 -14.03 14.08 -2.54
CA ASP A 232 -14.63 13.92 -3.86
C ASP A 232 -14.96 12.44 -4.15
N VAL A 233 -15.83 12.20 -5.13
CA VAL A 233 -16.18 10.85 -5.57
C VAL A 233 -15.91 10.79 -7.08
N VAL A 234 -15.30 9.70 -7.56
CA VAL A 234 -14.87 9.54 -8.95
C VAL A 234 -15.54 8.41 -9.73
N ASP A 235 -15.72 8.61 -11.05
CA ASP A 235 -16.21 7.62 -11.99
C ASP A 235 -15.05 7.28 -12.95
N SER A 236 -14.77 5.98 -13.11
CA SER A 236 -13.74 5.44 -13.99
C SER A 236 -14.41 4.84 -15.23
N LEU A 237 -14.10 5.36 -16.41
CA LEU A 237 -14.68 4.98 -17.68
C LEU A 237 -13.60 4.39 -18.61
N THR A 238 -13.94 3.32 -19.34
CA THR A 238 -13.04 2.67 -20.29
C THR A 238 -13.78 2.21 -21.58
N THR A 239 -13.15 2.40 -22.75
CA THR A 239 -13.64 1.91 -24.04
C THR A 239 -12.47 1.25 -24.77
N THR A 240 -12.71 0.05 -25.35
CA THR A 240 -11.70 -0.67 -26.12
C THR A 240 -11.48 0.09 -27.43
N THR A 241 -10.23 0.34 -27.80
CA THR A 241 -9.92 1.05 -29.04
C THR A 241 -9.28 0.12 -30.10
N SER A 242 -8.86 -1.10 -29.72
CA SER A 242 -8.25 -2.04 -30.67
C SER A 242 -9.29 -2.90 -31.43
N ASN A 259 -3.57 -9.68 -31.47
CA ASN A 259 -3.16 -10.28 -30.20
C ASN A 259 -3.15 -9.28 -29.03
N ASP A 260 -2.99 -7.99 -29.32
CA ASP A 260 -2.95 -6.97 -28.28
C ASP A 260 -4.31 -6.32 -28.04
N SER A 261 -4.51 -5.79 -26.83
CA SER A 261 -5.74 -5.08 -26.49
C SER A 261 -5.37 -3.66 -26.03
N GLN A 262 -6.07 -2.64 -26.54
CA GLN A 262 -5.82 -1.25 -26.18
C GLN A 262 -7.11 -0.64 -25.67
N PHE A 263 -7.00 0.26 -24.69
CA PHE A 263 -8.14 0.93 -24.10
C PHE A 263 -7.90 2.42 -23.96
N LEU A 264 -8.98 3.20 -24.03
CA LEU A 264 -8.99 4.64 -23.76
C LEU A 264 -9.74 4.80 -22.41
N HIS A 265 -9.19 5.62 -21.51
CA HIS A 265 -9.66 5.79 -20.15
C HIS A 265 -9.96 7.26 -19.81
N LEU A 266 -10.87 7.46 -18.87
CA LEU A 266 -11.24 8.79 -18.41
C LEU A 266 -11.70 8.66 -16.96
N LEU A 267 -11.20 9.54 -16.09
CA LEU A 267 -11.66 9.63 -14.69
C LEU A 267 -12.33 11.01 -14.57
N ARG A 268 -13.52 11.07 -14.02
CA ARG A 268 -14.23 12.32 -13.85
C ARG A 268 -15.00 12.33 -12.54
N LEU A 269 -15.30 13.52 -12.02
CA LEU A 269 -16.07 13.63 -10.78
C LEU A 269 -17.49 13.06 -10.96
N SER A 270 -17.96 12.25 -10.01
CA SER A 270 -19.25 11.54 -10.08
C SER A 270 -20.45 12.41 -10.39
N GLY A 271 -20.44 13.64 -9.90
CA GLY A 271 -21.55 14.56 -10.09
C GLY A 271 -21.56 15.28 -11.42
N ASP A 272 -20.85 16.41 -11.48
CA ASP A 272 -20.85 17.25 -12.69
C ASP A 272 -20.01 16.71 -13.88
N GLY A 273 -19.24 15.64 -13.69
CA GLY A 273 -18.44 15.09 -14.78
C GLY A 273 -17.17 15.87 -15.12
N GLN A 274 -16.67 16.67 -14.17
CA GLN A 274 -15.39 17.38 -14.32
C GLN A 274 -14.21 16.38 -14.50
N GLU A 275 -13.43 16.47 -15.59
CA GLU A 275 -12.30 15.59 -15.84
C GLU A 275 -11.15 15.78 -14.83
N ILE A 276 -10.61 14.66 -14.33
CA ILE A 276 -9.45 14.71 -13.45
C ILE A 276 -8.25 14.01 -14.13
N ASN A 277 -8.50 12.95 -14.95
CA ASN A 277 -7.45 12.20 -15.64
C ASN A 277 -7.95 11.61 -16.93
N ARG A 278 -7.04 11.44 -17.88
CA ARG A 278 -7.29 10.68 -19.11
C ARG A 278 -6.04 9.84 -19.38
N GLY A 279 -6.24 8.70 -20.00
CA GLY A 279 -5.14 7.80 -20.30
C GLY A 279 -5.47 6.69 -21.26
N THR A 280 -4.44 5.93 -21.62
CA THR A 280 -4.54 4.77 -22.48
C THR A 280 -3.72 3.63 -21.84
N THR A 281 -4.16 2.39 -22.05
CA THR A 281 -3.43 1.18 -21.62
C THR A 281 -3.29 0.22 -22.83
N LEU A 282 -2.23 -0.58 -22.81
CA LEU A 282 -1.98 -1.59 -23.83
C LEU A 282 -1.66 -2.88 -23.07
N TRP A 283 -2.38 -3.95 -23.39
CA TRP A 283 -2.27 -5.26 -22.75
C TRP A 283 -1.86 -6.32 -23.77
N ARG A 284 -1.03 -7.27 -23.35
CA ARG A 284 -0.62 -8.36 -24.22
C ARG A 284 -1.18 -9.66 -23.67
N LYS A 285 -1.65 -10.55 -24.54
CA LYS A 285 -2.18 -11.84 -24.13
C LYS A 285 -1.07 -12.67 -23.47
N LYS A 286 -1.40 -13.35 -22.35
CA LYS A 286 -0.43 -14.17 -21.62
C LYS A 286 -0.01 -15.39 -22.43
N GLY B 2 15.57 -10.91 6.22
CA GLY B 2 15.20 -11.50 7.51
C GLY B 2 15.78 -12.89 7.73
N SER B 3 15.66 -13.42 8.94
CA SER B 3 16.21 -14.72 9.26
C SER B 3 15.58 -15.31 10.52
N LEU B 4 15.62 -16.64 10.66
CA LEU B 4 15.23 -17.28 11.92
C LEU B 4 16.32 -16.93 12.96
N THR B 5 15.95 -16.89 14.24
CA THR B 5 16.87 -16.60 15.32
C THR B 5 17.74 -17.86 15.60
N GLU B 6 18.75 -17.75 16.46
CA GLU B 6 19.68 -18.86 16.78
C GLU B 6 18.97 -20.16 17.20
N ASP B 7 17.96 -20.07 18.07
CA ASP B 7 17.23 -21.28 18.48
C ASP B 7 16.22 -21.81 17.42
N GLY B 8 16.02 -21.06 16.33
CA GLY B 8 15.13 -21.41 15.23
C GLY B 8 13.65 -21.37 15.57
N LEU B 9 13.28 -20.81 16.75
CA LEU B 9 11.89 -20.77 17.21
C LEU B 9 11.19 -19.40 17.02
N SER B 10 11.85 -18.46 16.34
CA SER B 10 11.28 -17.15 16.04
C SER B 10 12.00 -16.56 14.80
N TYR B 11 11.50 -15.45 14.27
CA TYR B 11 12.02 -14.87 13.03
C TYR B 11 12.10 -13.36 13.17
N LYS B 12 13.21 -12.76 12.67
CA LYS B 12 13.40 -11.31 12.78
C LYS B 12 13.66 -10.68 11.44
N GLU B 13 13.15 -9.48 11.22
CA GLU B 13 13.36 -8.77 9.95
C GLU B 13 13.33 -7.28 10.21
N LYS B 14 14.20 -6.54 9.48
CA LYS B 14 14.29 -5.09 9.57
C LYS B 14 13.65 -4.48 8.32
N PHE B 15 13.00 -3.32 8.50
CA PHE B 15 12.35 -2.59 7.42
C PHE B 15 12.67 -1.12 7.56
N VAL B 16 12.90 -0.43 6.41
CA VAL B 16 13.15 1.01 6.42
C VAL B 16 11.84 1.66 6.00
N VAL B 17 11.29 2.52 6.84
CA VAL B 17 9.99 3.16 6.56
C VAL B 17 10.03 4.04 5.26
N ARG B 18 9.13 3.76 4.30
CA ARG B 18 9.04 4.43 3.00
C ARG B 18 8.20 5.73 3.01
N SER B 19 8.48 6.64 2.06
CA SER B 19 7.77 7.93 1.92
C SER B 19 6.26 7.79 1.80
N TYR B 20 5.79 6.83 0.96
CA TYR B 20 4.36 6.62 0.79
C TYR B 20 3.69 5.85 1.94
N GLU B 21 4.49 5.38 2.92
CA GLU B 21 4.05 4.58 4.06
C GLU B 21 3.66 5.44 5.27
N VAL B 22 3.95 6.77 5.25
CA VAL B 22 3.70 7.65 6.39
C VAL B 22 2.44 8.53 6.24
N GLY B 23 1.87 8.91 7.38
CA GLY B 23 0.69 9.78 7.44
C GLY B 23 1.05 11.24 7.66
N SER B 24 0.06 12.08 8.01
CA SER B 24 0.31 13.52 8.22
C SER B 24 1.28 13.85 9.36
N ASN B 25 1.58 12.87 10.23
CA ASN B 25 2.54 13.02 11.32
C ASN B 25 4.01 12.71 10.85
N LYS B 26 4.19 12.34 9.56
CA LYS B 26 5.45 11.88 8.96
C LYS B 26 5.99 10.61 9.66
N THR B 27 5.11 9.82 10.27
CA THR B 27 5.44 8.54 10.87
C THR B 27 4.52 7.46 10.19
N ALA B 28 4.93 6.19 10.23
CA ALA B 28 4.19 5.09 9.60
C ALA B 28 2.76 5.01 10.11
N THR B 29 1.78 4.80 9.19
CA THR B 29 0.41 4.60 9.61
C THR B 29 0.25 3.20 10.29
N VAL B 30 -0.87 2.97 11.00
CA VAL B 30 -1.12 1.65 11.60
C VAL B 30 -1.33 0.55 10.51
N GLU B 31 -1.78 0.95 9.30
CA GLU B 31 -1.97 0.03 8.16
C GLU B 31 -0.61 -0.38 7.60
N THR B 32 0.36 0.56 7.55
CA THR B 32 1.72 0.21 7.16
C THR B 32 2.29 -0.79 8.19
N ILE B 33 2.15 -0.50 9.51
CA ILE B 33 2.56 -1.42 10.57
C ILE B 33 1.95 -2.84 10.36
N ALA B 34 0.62 -2.91 10.15
CA ALA B 34 -0.10 -4.16 9.92
C ALA B 34 0.43 -4.93 8.69
N ASN B 35 0.73 -4.21 7.59
CA ASN B 35 1.31 -4.85 6.39
C ASN B 35 2.69 -5.44 6.71
N LEU B 36 3.50 -4.70 7.48
CA LEU B 36 4.82 -5.19 7.87
C LEU B 36 4.68 -6.44 8.76
N LEU B 37 3.66 -6.46 9.67
CA LEU B 37 3.42 -7.64 10.54
C LEU B 37 3.11 -8.86 9.65
N GLN B 38 2.24 -8.67 8.66
CA GLN B 38 1.85 -9.74 7.74
C GLN B 38 3.07 -10.21 6.94
N GLU B 39 3.91 -9.25 6.47
CA GLU B 39 5.12 -9.57 5.72
C GLU B 39 6.09 -10.42 6.54
N VAL B 40 6.40 -10.03 7.79
CA VAL B 40 7.33 -10.82 8.60
C VAL B 40 6.72 -12.21 8.93
N GLY B 41 5.39 -12.27 9.12
CA GLY B 41 4.70 -13.55 9.36
C GLY B 41 4.86 -14.48 8.17
N CYS B 42 4.66 -13.94 6.95
N CYS B 42 4.66 -13.94 6.96
N CYS B 42 4.67 -13.94 6.95
CA CYS B 42 4.78 -14.70 5.70
CA CYS B 42 4.79 -14.68 5.71
CA CYS B 42 4.80 -14.65 5.67
C CYS B 42 6.23 -15.17 5.50
C CYS B 42 6.24 -15.15 5.50
C CYS B 42 6.23 -15.16 5.52
N ASN B 43 7.22 -14.30 5.80
CA ASN B 43 8.63 -14.68 5.65
C ASN B 43 9.03 -15.79 6.65
N HIS B 44 8.40 -15.81 7.85
CA HIS B 44 8.64 -16.84 8.84
C HIS B 44 8.08 -18.20 8.32
N ALA B 45 6.84 -18.19 7.79
CA ALA B 45 6.24 -19.41 7.20
C ALA B 45 7.15 -19.96 6.07
N GLN B 46 7.62 -19.08 5.17
CA GLN B 46 8.46 -19.49 4.04
C GLN B 46 9.75 -20.12 4.53
N SER B 47 10.40 -19.49 5.51
CA SER B 47 11.66 -19.96 6.06
C SER B 47 11.62 -21.40 6.57
N VAL B 48 10.44 -21.92 6.96
CA VAL B 48 10.37 -23.30 7.44
C VAL B 48 9.50 -24.23 6.56
N GLY B 49 9.14 -23.79 5.35
CA GLY B 49 8.46 -24.64 4.38
C GLY B 49 6.94 -24.64 4.29
N PHE B 50 6.27 -23.71 4.96
CA PHE B 50 4.81 -23.63 4.91
C PHE B 50 4.36 -22.81 3.68
N SER B 51 3.04 -22.83 3.35
CA SER B 51 2.54 -22.00 2.25
C SER B 51 2.72 -20.51 2.60
N THR B 52 2.84 -19.68 1.58
CA THR B 52 3.06 -18.25 1.77
C THR B 52 1.87 -17.37 1.33
N ASP B 53 0.71 -17.97 1.13
CA ASP B 53 -0.53 -17.33 0.68
C ASP B 53 -1.38 -16.71 1.81
N GLY B 54 -0.87 -16.73 3.05
CA GLY B 54 -1.62 -16.23 4.18
C GLY B 54 -2.40 -17.30 4.92
N PHE B 55 -2.43 -18.53 4.40
CA PHE B 55 -3.15 -19.63 5.05
C PHE B 55 -2.22 -20.63 5.78
N ALA B 56 -0.89 -20.42 5.72
CA ALA B 56 0.15 -21.22 6.39
C ALA B 56 -0.13 -22.73 6.38
N THR B 57 -0.36 -23.30 5.20
CA THR B 57 -0.73 -24.70 5.06
C THR B 57 0.44 -25.64 4.81
N THR B 58 0.22 -26.94 5.08
CA THR B 58 1.13 -28.05 4.79
C THR B 58 0.55 -28.84 3.59
N THR B 59 1.31 -29.82 3.04
CA THR B 59 0.81 -30.67 1.96
C THR B 59 -0.46 -31.44 2.45
N THR B 60 -0.46 -31.84 3.73
CA THR B 60 -1.57 -32.54 4.37
C THR B 60 -2.84 -31.67 4.38
N MET B 61 -2.73 -30.39 4.81
CA MET B 61 -3.85 -29.45 4.82
C MET B 61 -4.32 -29.14 3.42
N ARG B 62 -3.39 -29.06 2.46
CA ARG B 62 -3.71 -28.78 1.07
C ARG B 62 -4.62 -29.87 0.46
N LYS B 63 -4.31 -31.15 0.73
CA LYS B 63 -5.10 -32.29 0.24
C LYS B 63 -6.52 -32.27 0.86
N LEU B 64 -6.65 -31.79 2.11
CA LEU B 64 -7.95 -31.70 2.78
C LEU B 64 -8.72 -30.40 2.55
N HIS B 65 -8.15 -29.47 1.76
CA HIS B 65 -8.69 -28.14 1.52
C HIS B 65 -8.88 -27.36 2.84
N LEU B 66 -7.95 -27.53 3.79
CA LEU B 66 -7.96 -26.85 5.08
C LEU B 66 -7.01 -25.66 5.06
N ILE B 67 -7.40 -24.54 5.70
CA ILE B 67 -6.63 -23.30 5.78
C ILE B 67 -6.67 -22.71 7.20
N TRP B 68 -5.69 -21.87 7.53
CA TRP B 68 -5.69 -21.13 8.80
C TRP B 68 -6.25 -19.75 8.47
N VAL B 69 -7.15 -19.23 9.29
CA VAL B 69 -7.75 -17.91 9.05
C VAL B 69 -7.68 -17.05 10.33
N THR B 70 -7.41 -15.71 10.19
CA THR B 70 -7.33 -14.83 11.35
C THR B 70 -8.72 -14.59 11.92
N ALA B 71 -8.86 -14.82 13.22
CA ALA B 71 -10.08 -14.58 13.97
C ALA B 71 -10.02 -13.22 14.72
N ARG B 72 -8.81 -12.80 15.12
CA ARG B 72 -8.62 -11.58 15.86
C ARG B 72 -7.20 -11.06 15.68
N MET B 73 -7.07 -9.70 15.59
CA MET B 73 -5.81 -8.96 15.55
C MET B 73 -5.87 -7.90 16.69
N HIS B 74 -4.77 -7.76 17.43
CA HIS B 74 -4.71 -6.79 18.52
C HIS B 74 -3.34 -6.16 18.42
N ILE B 75 -3.28 -4.85 18.20
CA ILE B 75 -2.00 -4.15 18.06
C ILE B 75 -1.94 -2.98 19.04
N GLU B 76 -0.81 -2.82 19.74
N GLU B 76 -0.81 -2.82 19.75
N GLU B 76 -0.82 -2.81 19.74
CA GLU B 76 -0.57 -1.70 20.65
CA GLU B 76 -0.55 -1.71 20.67
CA GLU B 76 -0.57 -1.70 20.65
C GLU B 76 0.74 -1.03 20.22
C GLU B 76 0.75 -1.04 20.22
C GLU B 76 0.74 -1.03 20.22
N ILE B 77 0.70 0.25 19.87
CA ILE B 77 1.90 0.99 19.44
C ILE B 77 2.20 2.12 20.43
N TYR B 78 3.44 2.19 20.90
CA TYR B 78 3.93 3.23 21.82
C TYR B 78 4.53 4.40 21.01
N LYS B 79 5.28 4.07 19.94
CA LYS B 79 5.90 5.08 19.08
C LYS B 79 5.86 4.58 17.65
N TYR B 80 5.27 5.39 16.76
CA TYR B 80 5.21 5.04 15.34
C TYR B 80 6.55 5.40 14.71
N PRO B 81 7.17 4.51 13.93
CA PRO B 81 8.47 4.84 13.34
C PRO B 81 8.37 5.97 12.33
N ALA B 82 9.35 6.86 12.32
CA ALA B 82 9.39 7.96 11.39
C ALA B 82 9.90 7.50 10.01
N TRP B 83 9.62 8.28 8.99
CA TRP B 83 10.09 8.01 7.65
C TRP B 83 11.63 7.92 7.61
N GLY B 84 12.15 6.86 6.99
CA GLY B 84 13.57 6.62 6.94
C GLY B 84 14.14 5.87 8.13
N ASP B 85 13.33 5.67 9.20
CA ASP B 85 13.79 4.91 10.37
C ASP B 85 13.80 3.40 10.05
N VAL B 86 14.59 2.65 10.80
CA VAL B 86 14.64 1.20 10.64
C VAL B 86 13.89 0.60 11.82
N VAL B 87 12.91 -0.25 11.54
CA VAL B 87 12.17 -0.92 12.60
C VAL B 87 12.51 -2.43 12.51
N GLU B 88 12.88 -3.07 13.63
CA GLU B 88 13.10 -4.51 13.62
C GLU B 88 11.85 -5.19 14.22
N ILE B 89 11.34 -6.22 13.57
CA ILE B 89 10.17 -6.95 14.05
C ILE B 89 10.50 -8.43 14.25
N GLU B 90 10.21 -8.95 15.44
CA GLU B 90 10.38 -10.36 15.79
C GLU B 90 9.00 -10.97 15.92
N THR B 91 8.83 -12.18 15.34
CA THR B 91 7.56 -12.87 15.38
C THR B 91 7.73 -14.34 15.74
N TRP B 92 6.70 -14.90 16.35
CA TRP B 92 6.70 -16.31 16.69
C TRP B 92 5.26 -16.83 16.71
N CYS B 93 5.14 -18.13 16.62
CA CYS B 93 3.84 -18.79 16.60
C CYS B 93 3.76 -19.71 17.84
N GLN B 94 2.55 -19.88 18.41
CA GLN B 94 2.36 -20.76 19.55
C GLN B 94 0.97 -21.38 19.53
N SER B 95 0.87 -22.71 19.67
CA SER B 95 -0.45 -23.36 19.68
C SER B 95 -1.16 -23.11 21.03
N GLU B 96 -2.48 -22.95 20.99
CA GLU B 96 -3.29 -22.80 22.18
C GLU B 96 -4.32 -23.96 22.26
N GLY B 97 -3.86 -25.16 21.92
CA GLY B 97 -4.68 -26.36 21.96
C GLY B 97 -5.57 -26.51 20.75
N ARG B 98 -6.67 -27.25 20.93
CA ARG B 98 -7.62 -27.53 19.86
C ARG B 98 -8.35 -26.25 19.40
N ILE B 99 -8.50 -25.27 20.32
CA ILE B 99 -9.15 -23.98 20.12
C ILE B 99 -8.58 -23.26 18.87
N GLY B 100 -7.27 -23.01 18.87
CA GLY B 100 -6.61 -22.31 17.79
C GLY B 100 -5.14 -22.03 18.09
N THR B 101 -4.54 -21.17 17.29
CA THR B 101 -3.14 -20.86 17.39
C THR B 101 -2.93 -19.35 17.45
N ARG B 102 -1.85 -18.91 18.08
CA ARG B 102 -1.50 -17.51 18.21
C ARG B 102 -0.21 -17.16 17.43
N ARG B 103 -0.14 -15.98 16.83
CA ARG B 103 1.09 -15.48 16.27
C ARG B 103 1.26 -14.12 16.95
N ASP B 104 2.42 -13.90 17.59
CA ASP B 104 2.76 -12.67 18.29
C ASP B 104 3.89 -11.92 17.60
N TRP B 105 3.98 -10.60 17.85
CA TRP B 105 5.05 -9.76 17.30
C TRP B 105 5.51 -8.74 18.34
N ILE B 106 6.79 -8.36 18.25
CA ILE B 106 7.39 -7.29 19.04
C ILE B 106 8.09 -6.37 18.04
N LEU B 107 7.81 -5.08 18.10
N LEU B 107 7.81 -5.07 18.10
N LEU B 107 7.81 -5.08 18.10
CA LEU B 107 8.43 -4.11 17.22
CA LEU B 107 8.44 -4.11 17.22
CA LEU B 107 8.43 -4.11 17.22
C LEU B 107 9.45 -3.30 18.02
C LEU B 107 9.45 -3.31 18.02
C LEU B 107 9.45 -3.30 18.02
N LYS B 108 10.65 -3.11 17.47
CA LYS B 108 11.69 -2.35 18.16
C LYS B 108 12.33 -1.30 17.26
N ASP B 109 12.86 -0.26 17.89
CA ASP B 109 13.62 0.75 17.16
C ASP B 109 15.02 0.11 17.00
N SER B 110 15.49 -0.08 15.75
CA SER B 110 16.76 -0.71 15.50
C SER B 110 17.92 0.00 16.17
N VAL B 111 17.92 1.33 16.13
CA VAL B 111 18.97 2.16 16.71
C VAL B 111 19.04 2.11 18.24
N THR B 112 17.90 2.30 18.93
CA THR B 112 17.91 2.31 20.40
C THR B 112 17.68 0.94 21.06
N GLY B 113 17.02 0.03 20.38
CA GLY B 113 16.66 -1.27 20.93
C GLY B 113 15.42 -1.25 21.81
N GLU B 114 14.74 -0.10 21.93
CA GLU B 114 13.55 0.03 22.76
C GLU B 114 12.31 -0.61 22.07
N VAL B 115 11.42 -1.25 22.86
CA VAL B 115 10.19 -1.83 22.31
C VAL B 115 9.23 -0.69 22.00
N THR B 116 8.90 -0.51 20.72
CA THR B 116 7.99 0.56 20.26
C THR B 116 6.56 0.11 19.98
N GLY B 117 6.32 -1.21 20.01
CA GLY B 117 5.00 -1.75 19.77
C GLY B 117 4.96 -3.25 19.97
N ARG B 118 3.75 -3.80 20.09
N ARG B 118 3.75 -3.80 20.09
N ARG B 118 3.76 -3.79 20.07
CA ARG B 118 3.55 -5.23 20.23
CA ARG B 118 3.55 -5.23 20.23
CA ARG B 118 3.55 -5.22 20.19
C ARG B 118 2.18 -5.64 19.67
C ARG B 118 2.18 -5.64 19.67
C ARG B 118 2.19 -5.60 19.59
N ALA B 119 2.08 -6.85 19.14
CA ALA B 119 0.83 -7.32 18.55
C ALA B 119 0.63 -8.80 18.81
N THR B 120 -0.65 -9.22 18.81
CA THR B 120 -1.04 -10.61 18.96
C THR B 120 -2.23 -10.90 18.02
N SER B 121 -2.31 -12.13 17.55
CA SER B 121 -3.40 -12.55 16.66
C SER B 121 -3.83 -13.96 17.00
N LYS B 122 -5.12 -14.27 16.84
CA LYS B 122 -5.68 -15.59 17.06
C LYS B 122 -6.14 -16.12 15.69
N TRP B 123 -5.86 -17.38 15.44
CA TRP B 123 -6.17 -18.03 14.17
C TRP B 123 -6.94 -19.33 14.44
N VAL B 124 -7.81 -19.68 13.51
CA VAL B 124 -8.60 -20.90 13.60
C VAL B 124 -8.48 -21.66 12.28
N MET B 125 -8.67 -22.99 12.32
CA MET B 125 -8.60 -23.81 11.12
C MET B 125 -10.00 -23.98 10.54
N MET B 126 -10.11 -23.90 9.22
CA MET B 126 -11.38 -23.95 8.54
C MET B 126 -11.24 -24.63 7.16
N ASN B 127 -12.32 -25.31 6.67
CA ASN B 127 -12.32 -25.89 5.33
C ASN B 127 -12.51 -24.67 4.41
N GLN B 128 -11.65 -24.45 3.41
CA GLN B 128 -11.79 -23.23 2.59
C GLN B 128 -13.04 -23.18 1.70
N ASP B 129 -13.65 -24.32 1.38
CA ASP B 129 -14.82 -24.34 0.51
C ASP B 129 -16.12 -24.20 1.33
N THR B 130 -16.32 -25.04 2.37
CA THR B 130 -17.53 -24.96 3.19
C THR B 130 -17.51 -23.82 4.21
N ARG B 131 -16.32 -23.33 4.58
CA ARG B 131 -16.15 -22.30 5.63
C ARG B 131 -16.43 -22.84 7.05
N ARG B 132 -16.53 -24.17 7.20
CA ARG B 132 -16.80 -24.80 8.47
C ARG B 132 -15.52 -24.93 9.25
N LEU B 133 -15.60 -24.54 10.50
CA LEU B 133 -14.47 -24.62 11.41
C LEU B 133 -14.30 -26.05 11.85
N GLN B 134 -13.06 -26.46 12.08
CA GLN B 134 -12.78 -27.79 12.63
C GLN B 134 -11.60 -27.74 13.53
N LYS B 135 -11.67 -28.53 14.62
CA LYS B 135 -10.57 -28.59 15.58
C LYS B 135 -9.32 -29.14 14.92
N VAL B 136 -8.18 -28.69 15.39
CA VAL B 136 -6.89 -29.10 14.83
C VAL B 136 -6.65 -30.58 15.10
N SER B 137 -6.40 -31.36 14.04
CA SER B 137 -6.08 -32.77 14.20
C SER B 137 -4.70 -32.95 14.84
N ASP B 138 -4.46 -34.11 15.48
CA ASP B 138 -3.16 -34.36 16.09
C ASP B 138 -2.04 -34.46 15.04
N ASP B 139 -2.32 -35.08 13.88
CA ASP B 139 -1.29 -35.21 12.84
C ASP B 139 -0.92 -33.87 12.19
N VAL B 140 -1.85 -32.89 12.14
CA VAL B 140 -1.51 -31.57 11.60
C VAL B 140 -0.93 -30.65 12.71
N ARG B 141 -1.31 -30.87 13.98
CA ARG B 141 -0.76 -30.09 15.09
C ARG B 141 0.76 -30.36 15.20
N ASP B 142 1.16 -31.66 15.11
CA ASP B 142 2.55 -32.10 15.20
C ASP B 142 3.43 -31.51 14.10
N GLU B 143 2.84 -31.25 12.93
CA GLU B 143 3.54 -30.66 11.81
C GLU B 143 4.11 -29.28 12.13
N TYR B 144 3.37 -28.41 12.85
CA TYR B 144 3.89 -27.07 13.12
C TYR B 144 4.45 -26.87 14.56
N LEU B 145 4.13 -27.77 15.52
CA LEU B 145 4.65 -27.65 16.90
C LEU B 145 6.18 -27.57 17.01
N VAL B 146 6.90 -28.25 16.10
CA VAL B 146 8.36 -28.25 16.06
C VAL B 146 8.98 -26.88 15.67
N PHE B 147 8.16 -25.94 15.22
CA PHE B 147 8.62 -24.59 14.89
C PHE B 147 8.16 -23.54 15.95
N CYS B 148 7.51 -23.98 17.03
CA CYS B 148 6.99 -23.10 18.07
C CYS B 148 7.70 -23.33 19.40
N PRO B 149 7.87 -22.29 20.24
CA PRO B 149 8.41 -22.52 21.59
C PRO B 149 7.44 -23.39 22.40
N GLN B 150 7.97 -24.24 23.25
CA GLN B 150 7.15 -25.14 24.08
C GLN B 150 6.67 -24.42 25.36
N GLU B 151 7.56 -23.66 26.00
CA GLU B 151 7.17 -22.87 27.18
C GLU B 151 6.39 -21.63 26.69
N PRO B 152 5.40 -21.17 27.45
CA PRO B 152 4.62 -19.99 27.00
C PRO B 152 5.48 -18.76 26.76
N ARG B 153 5.29 -18.09 25.63
CA ARG B 153 6.02 -16.87 25.28
C ARG B 153 4.94 -15.93 24.75
N LEU B 154 4.56 -14.93 25.56
CA LEU B 154 3.47 -14.05 25.17
C LEU B 154 3.88 -12.63 25.01
N ALA B 155 3.47 -11.99 23.89
CA ALA B 155 3.68 -10.56 23.74
C ALA B 155 2.83 -9.79 24.77
N PHE B 156 1.72 -10.37 25.27
CA PHE B 156 0.83 -9.77 26.27
C PHE B 156 0.65 -10.81 27.42
N PRO B 157 1.64 -10.90 28.32
CA PRO B 157 1.63 -11.99 29.32
C PRO B 157 0.50 -11.99 30.36
N GLU B 158 0.16 -10.80 30.88
CA GLU B 158 -0.89 -10.56 31.87
C GLU B 158 -2.20 -11.39 31.66
N GLU B 159 -2.65 -12.10 32.71
CA GLU B 159 -3.88 -12.91 32.73
C GLU B 159 -5.09 -11.94 32.61
N ASN B 160 -5.93 -12.13 31.58
CA ASN B 160 -7.10 -11.29 31.30
C ASN B 160 -6.71 -9.83 30.97
N ASN B 161 -5.85 -9.63 29.94
CA ASN B 161 -5.41 -8.30 29.48
C ASN B 161 -6.30 -7.80 28.30
N ARG B 162 -6.08 -6.56 27.78
CA ARG B 162 -6.88 -5.99 26.68
C ARG B 162 -7.03 -6.91 25.46
N SER B 163 -5.95 -7.66 25.07
CA SER B 163 -6.00 -8.53 23.89
C SER B 163 -7.05 -9.62 23.93
N LEU B 164 -7.51 -9.97 25.13
CA LEU B 164 -8.49 -11.05 25.29
C LEU B 164 -9.91 -10.57 25.67
N LYS B 165 -10.12 -9.25 25.74
CA LYS B 165 -11.42 -8.72 26.12
C LYS B 165 -12.51 -8.99 25.08
N LYS B 166 -13.72 -9.33 25.55
CA LYS B 166 -14.86 -9.58 24.67
C LYS B 166 -15.32 -8.23 24.07
N ILE B 167 -15.71 -8.18 22.79
CA ILE B 167 -16.15 -6.94 22.14
C ILE B 167 -17.67 -6.97 21.91
N PRO B 168 -18.41 -5.98 22.46
CA PRO B 168 -19.87 -5.97 22.27
C PRO B 168 -20.29 -5.50 20.87
N LYS B 169 -21.57 -5.66 20.53
CA LYS B 169 -22.07 -5.25 19.22
C LYS B 169 -22.65 -3.83 19.31
N LEU B 170 -22.11 -2.90 18.49
CA LEU B 170 -22.57 -1.51 18.42
C LEU B 170 -24.09 -1.47 18.12
N GLU B 171 -24.84 -0.66 18.87
CA GLU B 171 -26.28 -0.54 18.68
C GLU B 171 -26.62 0.70 17.86
N ASP B 172 -27.59 0.60 16.95
CA ASP B 172 -28.00 1.75 16.15
C ASP B 172 -28.81 2.74 17.02
N PRO B 173 -28.73 4.06 16.75
CA PRO B 173 -27.90 4.70 15.72
C PRO B 173 -26.42 4.84 16.14
N ALA B 174 -25.49 4.72 15.19
CA ALA B 174 -24.07 4.93 15.48
C ALA B 174 -23.84 6.44 15.56
N GLN B 175 -22.84 6.89 16.34
CA GLN B 175 -22.56 8.30 16.42
C GLN B 175 -21.97 8.81 15.09
N TYR B 176 -21.12 7.99 14.45
CA TYR B 176 -20.46 8.33 13.18
C TYR B 176 -20.53 7.16 12.20
N SER B 177 -20.50 7.46 10.90
CA SER B 177 -20.52 6.41 9.89
C SER B 177 -19.85 6.83 8.61
N MET B 178 -19.29 5.88 7.90
CA MET B 178 -18.78 6.08 6.56
C MET B 178 -19.42 4.93 5.76
N ILE B 179 -20.23 5.23 4.76
CA ILE B 179 -20.95 4.18 4.03
C ILE B 179 -20.52 4.04 2.58
N GLY B 180 -20.81 2.88 2.02
CA GLY B 180 -20.51 2.60 0.62
C GLY B 180 -19.05 2.34 0.31
N LEU B 181 -18.27 1.84 1.28
CA LEU B 181 -16.86 1.49 1.09
C LEU B 181 -16.77 0.23 0.26
N LYS B 182 -15.91 0.21 -0.78
CA LYS B 182 -15.78 -0.95 -1.68
C LYS B 182 -14.28 -1.24 -1.90
N PRO B 183 -13.87 -2.52 -1.90
CA PRO B 183 -12.44 -2.81 -2.19
C PRO B 183 -12.11 -2.63 -3.66
N ARG B 184 -10.89 -2.18 -3.98
CA ARG B 184 -10.43 -2.13 -5.38
C ARG B 184 -9.34 -3.25 -5.57
N ARG B 185 -8.80 -3.47 -6.79
CA ARG B 185 -7.83 -4.58 -6.98
C ARG B 185 -6.62 -4.52 -6.04
N ALA B 186 -6.14 -3.29 -5.70
CA ALA B 186 -4.99 -3.14 -4.78
C ALA B 186 -5.30 -3.64 -3.36
N ASP B 187 -6.58 -3.74 -3.00
CA ASP B 187 -6.97 -4.26 -1.69
C ASP B 187 -6.99 -5.79 -1.64
N LEU B 188 -6.86 -6.47 -2.79
CA LEU B 188 -6.89 -7.94 -2.84
C LEU B 188 -5.48 -8.50 -2.74
N ASP B 189 -5.37 -9.75 -2.25
CA ASP B 189 -4.10 -10.47 -2.19
C ASP B 189 -3.93 -11.34 -3.46
N MET B 190 -2.88 -12.20 -3.50
CA MET B 190 -2.58 -13.08 -4.63
C MET B 190 -3.71 -14.10 -4.91
N ASN B 191 -4.52 -14.43 -3.90
CA ASN B 191 -5.66 -15.39 -4.04
C ASN B 191 -7.00 -14.67 -4.33
N GLN B 192 -6.97 -13.35 -4.58
CA GLN B 192 -8.14 -12.51 -4.86
C GLN B 192 -9.08 -12.34 -3.63
N HIS B 193 -8.56 -12.54 -2.42
CA HIS B 193 -9.32 -12.29 -1.20
C HIS B 193 -8.98 -10.86 -0.72
N VAL B 194 -9.93 -10.16 -0.04
CA VAL B 194 -9.66 -8.84 0.52
C VAL B 194 -8.59 -9.02 1.62
N ASN B 195 -7.51 -8.26 1.54
CA ASN B 195 -6.43 -8.32 2.52
C ASN B 195 -6.95 -7.93 3.91
N ASN B 196 -6.52 -8.66 4.93
CA ASN B 196 -6.91 -8.36 6.31
C ASN B 196 -6.66 -6.93 6.75
N VAL B 197 -5.64 -6.25 6.20
CA VAL B 197 -5.32 -4.88 6.57
C VAL B 197 -6.38 -3.90 6.04
N THR B 198 -7.05 -4.23 4.92
CA THR B 198 -8.10 -3.36 4.36
C THR B 198 -9.20 -3.08 5.39
N TYR B 199 -9.62 -4.11 6.15
CA TYR B 199 -10.64 -3.97 7.20
C TYR B 199 -10.20 -3.02 8.31
N ILE B 200 -8.90 -2.95 8.63
CA ILE B 200 -8.39 -1.98 9.62
C ILE B 200 -8.65 -0.55 9.07
N GLY B 201 -8.27 -0.30 7.82
CA GLY B 201 -8.51 1.00 7.19
C GLY B 201 -9.99 1.38 7.18
N TRP B 202 -10.86 0.39 6.84
CA TRP B 202 -12.32 0.61 6.84
C TRP B 202 -12.87 0.94 8.21
N VAL B 203 -12.39 0.25 9.27
CA VAL B 203 -12.79 0.58 10.65
C VAL B 203 -12.47 2.05 10.98
N LEU B 204 -11.22 2.46 10.67
CA LEU B 204 -10.75 3.81 10.94
C LEU B 204 -11.41 4.92 10.08
N GLU B 205 -11.99 4.61 8.90
CA GLU B 205 -12.65 5.62 8.08
C GLU B 205 -13.80 6.37 8.80
N SER B 206 -14.46 5.72 9.79
CA SER B 206 -15.57 6.38 10.48
C SER B 206 -15.15 7.13 11.76
N ILE B 207 -13.84 7.29 12.00
CA ILE B 207 -13.35 8.10 13.12
C ILE B 207 -13.35 9.55 12.58
N PRO B 208 -13.91 10.54 13.31
CA PRO B 208 -13.88 11.93 12.77
C PRO B 208 -12.43 12.40 12.54
N GLN B 209 -12.21 13.21 11.49
CA GLN B 209 -10.87 13.71 11.19
C GLN B 209 -10.28 14.52 12.33
N GLU B 210 -11.13 15.17 13.17
CA GLU B 210 -10.66 15.96 14.32
C GLU B 210 -9.95 15.08 15.36
N ILE B 211 -10.44 13.84 15.54
CA ILE B 211 -9.79 12.92 16.46
C ILE B 211 -8.43 12.54 15.89
N VAL B 212 -8.37 12.19 14.60
CA VAL B 212 -7.14 11.79 13.93
C VAL B 212 -6.08 12.91 13.96
N ASP B 213 -6.51 14.15 13.85
CA ASP B 213 -5.60 15.30 13.86
C ASP B 213 -5.03 15.66 15.24
N THR B 214 -5.77 15.38 16.31
CA THR B 214 -5.37 15.74 17.69
C THR B 214 -4.92 14.57 18.55
N HIS B 215 -5.20 13.36 18.11
CA HIS B 215 -4.88 12.15 18.86
C HIS B 215 -4.03 11.20 18.03
N GLU B 216 -3.38 10.25 18.71
CA GLU B 216 -2.63 9.17 18.10
C GLU B 216 -3.27 7.82 18.53
N LEU B 217 -3.42 6.90 17.59
CA LEU B 217 -3.97 5.58 17.89
C LEU B 217 -2.96 4.79 18.73
N GLN B 218 -3.38 4.37 19.91
CA GLN B 218 -2.53 3.59 20.82
C GLN B 218 -2.87 2.10 20.77
N VAL B 219 -4.15 1.73 20.74
CA VAL B 219 -4.57 0.32 20.70
C VAL B 219 -5.73 0.10 19.70
N ILE B 220 -5.67 -1.01 18.96
CA ILE B 220 -6.74 -1.46 18.07
C ILE B 220 -6.92 -2.96 18.24
N THR B 221 -8.14 -3.41 18.54
CA THR B 221 -8.49 -4.84 18.68
C THR B 221 -9.60 -5.03 17.64
N LEU B 222 -9.46 -6.03 16.77
CA LEU B 222 -10.41 -6.24 15.70
C LEU B 222 -10.75 -7.70 15.52
N ASP B 223 -12.04 -8.06 15.63
CA ASP B 223 -12.54 -9.41 15.40
C ASP B 223 -12.94 -9.53 13.92
N TYR B 224 -12.65 -10.67 13.32
CA TYR B 224 -12.96 -10.97 11.92
C TYR B 224 -14.03 -12.09 11.90
N ARG B 225 -15.25 -11.74 11.51
CA ARG B 225 -16.38 -12.68 11.57
C ARG B 225 -16.69 -13.35 10.22
N ARG B 226 -16.64 -12.58 9.16
CA ARG B 226 -17.00 -13.02 7.82
C ARG B 226 -16.21 -12.18 6.85
N GLU B 227 -15.86 -12.76 5.70
CA GLU B 227 -15.11 -12.03 4.70
C GLU B 227 -15.99 -11.11 3.89
N CYS B 228 -15.41 -10.00 3.43
CA CYS B 228 -16.05 -9.11 2.47
C CYS B 228 -15.61 -9.67 1.11
N GLN B 229 -16.55 -10.06 0.24
CA GLN B 229 -16.20 -10.55 -1.08
C GLN B 229 -15.78 -9.37 -1.96
N GLN B 230 -15.08 -9.66 -3.05
CA GLN B 230 -14.63 -8.66 -4.01
C GLN B 230 -15.75 -7.72 -4.51
N ASP B 231 -16.99 -8.23 -4.63
CA ASP B 231 -18.12 -7.44 -5.12
C ASP B 231 -19.08 -6.93 -4.03
N ASP B 232 -18.65 -6.99 -2.76
CA ASP B 232 -19.49 -6.50 -1.66
C ASP B 232 -19.26 -4.99 -1.40
N VAL B 233 -20.19 -4.36 -0.70
CA VAL B 233 -20.07 -2.96 -0.30
C VAL B 233 -20.26 -2.93 1.23
N VAL B 234 -19.43 -2.14 1.93
CA VAL B 234 -19.40 -2.10 3.39
C VAL B 234 -19.74 -0.74 4.01
N ASP B 235 -20.36 -0.77 5.22
CA ASP B 235 -20.64 0.40 6.03
C ASP B 235 -19.79 0.29 7.30
N SER B 236 -19.06 1.36 7.63
CA SER B 236 -18.20 1.49 8.81
C SER B 236 -18.89 2.40 9.84
N LEU B 237 -19.19 1.86 11.02
CA LEU B 237 -19.90 2.53 12.09
C LEU B 237 -18.99 2.68 13.32
N THR B 238 -19.06 3.84 14.00
CA THR B 238 -18.28 4.11 15.21
C THR B 238 -19.10 4.93 16.25
N THR B 239 -19.00 4.56 17.54
CA THR B 239 -19.59 5.28 18.66
C THR B 239 -18.52 5.47 19.74
N THR B 240 -18.41 6.69 20.29
CA THR B 240 -17.47 6.98 21.37
C THR B 240 -17.97 6.29 22.64
N THR B 241 -17.11 5.57 23.34
CA THR B 241 -17.48 4.88 24.58
C THR B 241 -16.87 5.54 25.82
N SER B 242 -15.89 6.45 25.66
CA SER B 242 -15.27 7.12 26.82
C SER B 242 -16.05 8.38 27.28
N ASP B 260 -7.87 10.32 27.42
CA ASP B 260 -7.94 9.28 26.39
C ASP B 260 -9.31 9.23 25.72
N SER B 261 -9.36 8.73 24.48
CA SER B 261 -10.62 8.57 23.75
C SER B 261 -10.74 7.10 23.34
N GLN B 262 -11.92 6.50 23.55
CA GLN B 262 -12.17 5.10 23.20
C GLN B 262 -13.39 5.04 22.29
N PHE B 263 -13.37 4.10 21.34
CA PHE B 263 -14.45 3.93 20.39
C PHE B 263 -14.83 2.46 20.24
N LEU B 264 -16.10 2.21 19.92
CA LEU B 264 -16.63 0.88 19.57
C LEU B 264 -16.93 0.96 18.06
N HIS B 265 -16.55 -0.07 17.30
CA HIS B 265 -16.62 -0.11 15.86
C HIS B 265 -17.39 -1.36 15.35
N LEU B 266 -17.98 -1.22 14.17
CA LEU B 266 -18.72 -2.31 13.55
C LEU B 266 -18.64 -2.09 12.03
N LEU B 267 -18.32 -3.15 11.28
CA LEU B 267 -18.34 -3.15 9.82
C LEU B 267 -19.44 -4.13 9.41
N ARG B 268 -20.33 -3.71 8.54
CA ARG B 268 -21.43 -4.57 8.09
C ARG B 268 -21.70 -4.34 6.62
N LEU B 269 -22.30 -5.34 5.95
CA LEU B 269 -22.64 -5.21 4.53
C LEU B 269 -23.70 -4.09 4.33
N SER B 270 -23.48 -3.22 3.33
CA SER B 270 -24.32 -2.05 3.07
C SER B 270 -25.83 -2.30 2.96
N GLY B 271 -26.18 -3.45 2.43
CA GLY B 271 -27.59 -3.80 2.24
C GLY B 271 -28.27 -4.39 3.46
N ASP B 272 -28.13 -5.71 3.65
CA ASP B 272 -28.82 -6.39 4.74
C ASP B 272 -28.22 -6.18 6.15
N GLY B 273 -27.06 -5.55 6.26
CA GLY B 273 -26.46 -5.29 7.56
C GLY B 273 -25.80 -6.49 8.21
N GLN B 274 -25.40 -7.49 7.40
CA GLN B 274 -24.65 -8.66 7.88
C GLN B 274 -23.27 -8.22 8.46
N GLU B 275 -22.96 -8.55 9.72
CA GLU B 275 -21.68 -8.20 10.34
C GLU B 275 -20.47 -8.92 9.70
N ILE B 276 -19.40 -8.17 9.46
CA ILE B 276 -18.16 -8.74 8.95
C ILE B 276 -17.03 -8.55 9.98
N ASN B 277 -17.04 -7.44 10.76
CA ASN B 277 -16.02 -7.15 11.77
C ASN B 277 -16.60 -6.31 12.91
N ARG B 278 -16.01 -6.47 14.09
CA ARG B 278 -16.27 -5.61 15.23
C ARG B 278 -14.94 -5.33 15.91
N GLY B 279 -14.82 -4.17 16.52
CA GLY B 279 -13.58 -3.81 17.19
C GLY B 279 -13.69 -2.60 18.08
N THR B 280 -12.59 -2.30 18.77
CA THR B 280 -12.47 -1.15 19.64
C THR B 280 -11.09 -0.49 19.35
N THR B 281 -11.03 0.83 19.49
CA THR B 281 -9.77 1.60 19.39
C THR B 281 -9.61 2.49 20.64
N LEU B 282 -8.37 2.80 20.99
CA LEU B 282 -8.02 3.66 22.10
C LEU B 282 -6.99 4.66 21.54
N TRP B 283 -7.27 5.96 21.73
CA TRP B 283 -6.46 7.06 21.22
C TRP B 283 -5.95 7.90 22.38
N ARG B 284 -4.71 8.39 22.25
CA ARG B 284 -4.04 9.24 23.24
C ARG B 284 -3.92 10.66 22.66
N LYS B 285 -4.22 11.70 23.44
CA LYS B 285 -4.05 13.08 22.99
C LYS B 285 -2.57 13.35 22.73
N LYS B 286 -2.24 14.02 21.61
CA LYS B 286 -0.85 14.32 21.25
C LYS B 286 -0.23 15.33 22.22
N1 A1IU1 C . 13.79 17.69 -8.61
C4 A1IU1 C . 11.97 19.05 -10.41
C5 A1IU1 C . 12.06 17.63 -10.27
C6 A1IU1 C . 12.96 16.91 -9.31
C7 A1IU1 C . 14.53 17.21 -7.45
C8 A1IU1 C . 15.76 16.45 -7.78
C10 A1IU1 C . 17.58 15.20 -7.90
C1 A1IU1 C . 10.82 15.71 -11.56
C2 A1IU1 C . 11.21 17.09 -11.17
O1 A1IU1 C . 10.60 18.09 -11.88
C3 A1IU1 C . 11.07 19.28 -11.39
O2 A1IU1 C . 12.91 15.70 -9.17
C9 A1IU1 C . 16.47 15.55 -7.09
C11 A1IU1 C . 17.46 15.92 -9.06
O3 A1IU1 C . 16.34 16.70 -9.00
N1 A1IU1 D . 2.08 -21.39 10.92
C4 A1IU1 D . -0.63 -21.72 12.00
C5 A1IU1 D . 0.12 -20.51 12.01
C6 A1IU1 D . 1.46 -20.30 11.41
C7 A1IU1 D . 3.27 -21.34 10.09
C8 A1IU1 D . 4.53 -21.10 10.82
C10 A1IU1 D . 6.59 -20.65 11.55
C1 A1IU1 D . -0.44 -18.19 13.12
C2 A1IU1 D . -0.61 -19.60 12.71
O1 A1IU1 D . -1.79 -20.18 13.11
C3 A1IU1 D . -1.77 -21.48 12.66
O2 A1IU1 D . 1.97 -19.18 11.35
C9 A1IU1 D . 5.73 -20.64 10.41
C11 A1IU1 D . 5.84 -21.15 12.58
O3 A1IU1 D . 4.58 -21.41 12.16
#